data_5E1H
#
_entry.id   5E1H
#
_cell.length_a   88.472
_cell.length_b   91.775
_cell.length_c   95.143
_cell.angle_alpha   90.000
_cell.angle_beta   90.000
_cell.angle_gamma   90.000
#
_symmetry.space_group_name_H-M   'C 2 2 21'
#
loop_
_entity.id
_entity.type
_entity.pdbx_description
1 polymer Ricin
2 polymer 'F8(JOB10) VHH antibody'
3 non-polymer 'CHLORIDE ION'
4 water water
#
loop_
_entity_poly.entity_id
_entity_poly.type
_entity_poly.pdbx_seq_one_letter_code
_entity_poly.pdbx_strand_id
1 'polypeptide(L)'
;QYPIINFTTAGATVQSYTNFIRAVRGRLTTGADVRHEIPVLPNRVGLPINQRFILVELSNHAELSVTLALDVTNAYVVGY
RAGNSAYFFHPDNQEDAEAITHLFTDVQNRYTFAFGGNYDRLEQLAGNLRENIELGNGPLEEAISALYYYSTGGTQLPTL
ARSFIICIQMISEAARFQYIEGEMRTRIRYNRRSAPDPSVITLENSWGRLSTAIQESNQGAFASPIQLQRRNGSKFSVYD
VSILIPIIALMVYRCAPP
;
A
2 'polypeptide(L)'
;VQLAETGGGLVQAGGSLRLSCAASGTTFSKNAMAWFRQAPGKEREFVAGINWNAVSTNYADSVKGRFTVSRDNAKNTVYL
QMNSLKPEDTAVYYCAGSSIYSDISGAATVWATSYNYWGQGTQVTVSS
;
B
#
loop_
_chem_comp.id
_chem_comp.type
_chem_comp.name
_chem_comp.formula
CL non-polymer 'CHLORIDE ION' 'Cl -1'
#
# COMPACT_ATOMS: atom_id res chain seq x y z
N GLN A 1 -13.97 -3.63 -15.16
CA GLN A 1 -12.65 -3.53 -15.78
C GLN A 1 -12.19 -2.08 -15.98
N TYR A 2 -11.18 -1.69 -15.21
CA TYR A 2 -10.57 -0.36 -15.30
C TYR A 2 -9.58 -0.31 -16.48
N PRO A 3 -9.31 0.89 -17.01
CA PRO A 3 -8.42 1.02 -18.18
C PRO A 3 -7.02 0.54 -17.86
N ILE A 4 -6.37 -0.10 -18.83
CA ILE A 4 -5.02 -0.62 -18.65
C ILE A 4 -4.02 0.01 -19.61
N ILE A 5 -2.93 0.52 -19.03
CA ILE A 5 -1.83 1.08 -19.81
C ILE A 5 -0.58 0.22 -19.62
N ASN A 6 -0.01 -0.24 -20.73
CA ASN A 6 1.10 -1.16 -20.69
C ASN A 6 2.44 -0.50 -20.96
N PHE A 7 3.43 -0.80 -20.11
CA PHE A 7 4.77 -0.29 -20.33
C PHE A 7 5.82 -1.38 -20.05
N THR A 8 6.78 -1.53 -20.96
CA THR A 8 7.91 -2.42 -20.72
C THR A 8 9.23 -1.65 -20.51
N THR A 9 10.01 -2.03 -19.50
CA THR A 9 11.37 -1.51 -19.38
C THR A 9 12.32 -2.14 -20.41
N ALA A 10 11.87 -3.19 -21.09
CA ALA A 10 12.73 -3.85 -22.06
C ALA A 10 12.74 -3.02 -23.33
N GLY A 11 13.92 -2.53 -23.70
CA GLY A 11 14.04 -1.67 -24.87
C GLY A 11 13.46 -0.28 -24.65
N ALA A 12 13.29 0.12 -23.39
CA ALA A 12 12.73 1.43 -23.06
C ALA A 12 13.57 2.55 -23.65
N THR A 13 12.90 3.47 -24.33
CA THR A 13 13.55 4.61 -24.95
C THR A 13 12.89 5.84 -24.39
N VAL A 14 13.53 6.99 -24.57
CA VAL A 14 12.97 8.22 -24.08
C VAL A 14 11.55 8.41 -24.62
N GLN A 15 11.32 8.03 -25.88
CA GLN A 15 9.99 8.21 -26.46
C GLN A 15 8.93 7.29 -25.88
N SER A 16 9.29 6.02 -25.64
CA SER A 16 8.30 5.04 -25.21
C SER A 16 7.87 5.35 -23.78
N TYR A 17 8.78 5.92 -23.00
CA TYR A 17 8.48 6.31 -21.62
C TYR A 17 7.68 7.62 -21.59
N THR A 18 7.90 8.46 -22.58
CA THR A 18 7.12 9.70 -22.71
C THR A 18 5.70 9.37 -23.15
N ASN A 19 5.57 8.50 -24.16
CA ASN A 19 4.26 8.07 -24.62
C ASN A 19 3.48 7.41 -23.48
N PHE A 20 4.19 6.62 -22.68
CA PHE A 20 3.60 5.98 -21.51
C PHE A 20 3.04 7.01 -20.53
N ILE A 21 3.88 7.94 -20.06
CA ILE A 21 3.44 8.95 -19.13
C ILE A 21 2.30 9.82 -19.68
N ARG A 22 2.41 10.24 -20.94
CA ARG A 22 1.32 10.96 -21.57
C ARG A 22 0.00 10.21 -21.46
N ALA A 23 0.03 8.92 -21.76
CA ALA A 23 -1.14 8.08 -21.72
C ALA A 23 -1.68 7.92 -20.29
N VAL A 24 -0.79 7.86 -19.30
CA VAL A 24 -1.23 7.75 -17.92
C VAL A 24 -2.03 8.98 -17.52
N ARG A 25 -1.48 10.16 -17.83
CA ARG A 25 -2.16 11.42 -17.57
C ARG A 25 -3.54 11.45 -18.22
N GLY A 26 -3.59 11.01 -19.48
CA GLY A 26 -4.83 11.04 -20.25
C GLY A 26 -5.96 10.28 -19.57
N ARG A 27 -5.60 9.18 -18.91
CA ARG A 27 -6.56 8.37 -18.15
C ARG A 27 -6.90 8.90 -16.76
N LEU A 28 -6.01 9.69 -16.17
CA LEU A 28 -6.23 10.21 -14.83
C LEU A 28 -7.32 11.27 -14.80
N THR A 29 -7.35 12.11 -15.83
CA THR A 29 -8.29 13.20 -15.88
C THR A 29 -8.78 13.44 -17.30
N THR A 30 -10.02 13.92 -17.40
CA THR A 30 -10.61 14.23 -18.70
C THR A 30 -10.04 15.51 -19.27
N GLY A 31 -9.45 16.33 -18.40
CA GLY A 31 -8.92 17.62 -18.80
C GLY A 31 -10.02 18.66 -18.96
N ALA A 32 -11.23 18.26 -18.59
CA ALA A 32 -12.38 19.15 -18.65
C ALA A 32 -12.22 20.29 -17.64
N ASP A 33 -11.59 19.98 -16.51
CA ASP A 33 -11.38 20.97 -15.46
C ASP A 33 -9.93 21.42 -15.46
N VAL A 34 -9.69 22.65 -15.90
CA VAL A 34 -8.36 23.25 -15.83
C VAL A 34 -8.44 24.52 -15.00
N ARG A 35 -7.38 24.82 -14.26
CA ARG A 35 -7.33 26.04 -13.48
C ARG A 35 -5.98 26.69 -13.72
N HIS A 36 -5.98 27.89 -14.26
CA HIS A 36 -4.77 28.56 -14.72
C HIS A 36 -3.97 27.64 -15.62
N GLU A 37 -4.63 27.00 -16.58
CA GLU A 37 -3.95 26.15 -17.57
C GLU A 37 -3.51 24.77 -17.06
N ILE A 38 -3.71 24.50 -15.77
CA ILE A 38 -3.31 23.21 -15.21
C ILE A 38 -4.54 22.33 -14.95
N PRO A 39 -4.56 21.13 -15.54
CA PRO A 39 -5.63 20.14 -15.39
C PRO A 39 -5.82 19.70 -13.96
N VAL A 40 -7.08 19.64 -13.51
CA VAL A 40 -7.38 19.18 -12.16
C VAL A 40 -7.92 17.76 -12.20
N LEU A 41 -7.47 16.93 -11.26
CA LEU A 41 -7.95 15.56 -11.13
C LEU A 41 -9.42 15.53 -10.70
N PRO A 42 -10.14 14.44 -11.03
CA PRO A 42 -11.53 14.29 -10.59
C PRO A 42 -11.67 14.53 -9.10
N ASN A 43 -12.77 15.16 -8.70
CA ASN A 43 -13.06 15.36 -7.30
C ASN A 43 -13.45 14.03 -6.67
N ARG A 44 -12.73 13.65 -5.61
CA ARG A 44 -12.98 12.38 -4.93
C ARG A 44 -14.45 12.22 -4.55
N VAL A 45 -14.98 13.21 -3.83
CA VAL A 45 -16.37 13.19 -3.40
C VAL A 45 -17.36 13.10 -4.56
N GLY A 46 -18.25 12.11 -4.49
CA GLY A 46 -19.27 11.93 -5.51
C GLY A 46 -18.82 11.04 -6.67
N LEU A 47 -17.53 10.74 -6.71
CA LEU A 47 -16.96 9.98 -7.82
C LEU A 47 -17.39 8.52 -7.72
N PRO A 48 -18.10 8.03 -8.77
CA PRO A 48 -18.52 6.63 -8.89
C PRO A 48 -17.34 5.66 -8.92
N ILE A 49 -17.47 4.57 -8.17
CA ILE A 49 -16.39 3.61 -7.99
C ILE A 49 -15.85 3.03 -9.30
N ASN A 50 -16.75 2.81 -10.26
CA ASN A 50 -16.36 2.25 -11.55
C ASN A 50 -15.43 3.18 -12.35
N GLN A 51 -15.38 4.44 -11.95
CA GLN A 51 -14.43 5.41 -12.50
C GLN A 51 -13.16 5.71 -11.66
N ARG A 52 -13.03 5.07 -10.50
CA ARG A 52 -12.09 5.51 -9.47
C ARG A 52 -10.59 5.20 -9.68
N PHE A 53 -10.28 4.12 -10.40
CA PHE A 53 -8.90 3.69 -10.56
C PHE A 53 -8.50 3.52 -12.03
N ILE A 54 -7.20 3.55 -12.28
CA ILE A 54 -6.68 3.05 -13.55
C ILE A 54 -5.59 2.02 -13.25
N LEU A 55 -5.30 1.19 -14.24
CA LEU A 55 -4.35 0.11 -14.05
C LEU A 55 -3.12 0.32 -14.93
N VAL A 56 -1.97 0.10 -14.33
CA VAL A 56 -0.71 0.26 -15.01
C VAL A 56 0.02 -1.09 -15.01
N GLU A 57 0.16 -1.67 -16.19
CA GLU A 57 0.76 -2.98 -16.33
C GLU A 57 2.23 -2.84 -16.66
N LEU A 58 3.08 -3.27 -15.73
CA LEU A 58 4.52 -3.13 -15.90
C LEU A 58 5.15 -4.49 -16.17
N SER A 59 6.03 -4.54 -17.16
CA SER A 59 6.75 -5.75 -17.47
C SER A 59 8.20 -5.42 -17.86
N ASN A 60 9.11 -6.37 -17.64
CA ASN A 60 10.50 -6.14 -18.03
C ASN A 60 11.06 -7.20 -18.97
N HIS A 61 12.35 -7.07 -19.28
CA HIS A 61 13.03 -7.97 -20.20
C HIS A 61 13.06 -9.38 -19.63
N ALA A 62 12.88 -9.46 -18.30
CA ALA A 62 12.78 -10.73 -17.59
C ALA A 62 11.43 -11.42 -17.86
N GLU A 63 10.52 -10.68 -18.47
CA GLU A 63 9.19 -11.18 -18.80
C GLU A 63 8.39 -11.53 -17.55
N LEU A 64 8.77 -10.93 -16.42
CA LEU A 64 7.92 -10.83 -15.25
C LEU A 64 6.97 -9.67 -15.49
N SER A 65 5.82 -9.67 -14.82
N SER A 65 5.83 -9.68 -14.82
CA SER A 65 4.86 -8.58 -14.96
CA SER A 65 4.88 -8.58 -14.94
C SER A 65 4.08 -8.36 -13.68
C SER A 65 4.12 -8.36 -13.65
N VAL A 66 3.74 -7.12 -13.41
CA VAL A 66 2.91 -6.78 -12.25
C VAL A 66 1.94 -5.68 -12.68
N THR A 67 0.83 -5.56 -11.95
CA THR A 67 -0.18 -4.56 -12.28
C THR A 67 -0.38 -3.61 -11.15
N LEU A 68 -0.11 -2.34 -11.42
CA LEU A 68 -0.29 -1.28 -10.43
C LEU A 68 -1.68 -0.68 -10.57
N ALA A 69 -2.32 -0.39 -9.44
CA ALA A 69 -3.57 0.37 -9.44
C ALA A 69 -3.32 1.80 -8.94
N LEU A 70 -3.71 2.77 -9.76
CA LEU A 70 -3.61 4.18 -9.41
C LEU A 70 -4.98 4.81 -9.14
N ASP A 71 -5.07 5.58 -8.06
CA ASP A 71 -6.27 6.34 -7.72
C ASP A 71 -6.32 7.58 -8.61
N VAL A 72 -7.42 7.76 -9.34
CA VAL A 72 -7.52 8.91 -10.24
C VAL A 72 -7.61 10.24 -9.51
N THR A 73 -7.95 10.22 -8.22
CA THR A 73 -8.08 11.48 -7.51
C THR A 73 -6.73 12.13 -7.16
N ASN A 74 -5.81 11.38 -6.55
CA ASN A 74 -4.42 11.84 -6.36
C ASN A 74 -3.32 11.30 -7.31
N ALA A 75 -3.67 10.47 -8.28
CA ALA A 75 -2.69 9.84 -9.17
C ALA A 75 -1.67 8.94 -8.45
N TYR A 76 -2.02 8.41 -7.29
CA TYR A 76 -1.06 7.70 -6.47
C TYR A 76 -1.38 6.23 -6.51
N VAL A 77 -0.35 5.40 -6.32
CA VAL A 77 -0.48 3.95 -6.32
C VAL A 77 -1.13 3.50 -5.04
N VAL A 78 -2.25 2.78 -5.13
CA VAL A 78 -2.90 2.24 -3.93
C VAL A 78 -2.63 0.76 -3.61
N GLY A 79 -1.93 0.06 -4.51
CA GLY A 79 -1.83 -1.38 -4.42
C GLY A 79 -1.42 -1.99 -5.74
N TYR A 80 -1.23 -3.31 -5.77
CA TYR A 80 -0.84 -3.98 -7.01
C TYR A 80 -1.18 -5.46 -7.05
N ARG A 81 -1.15 -6.04 -8.24
CA ARG A 81 -1.38 -7.46 -8.38
C ARG A 81 -0.18 -8.12 -9.03
N ALA A 82 0.26 -9.23 -8.45
CA ALA A 82 1.23 -10.10 -9.07
C ALA A 82 0.67 -11.51 -8.97
N GLY A 83 0.54 -12.18 -10.10
CA GLY A 83 0.06 -13.56 -10.11
C GLY A 83 -1.31 -13.71 -9.49
N ASN A 84 -1.38 -14.56 -8.47
CA ASN A 84 -2.62 -14.86 -7.77
C ASN A 84 -2.87 -14.03 -6.51
N SER A 85 -2.04 -13.03 -6.29
CA SER A 85 -2.16 -12.20 -5.10
C SER A 85 -2.28 -10.71 -5.44
N ALA A 86 -3.00 -9.98 -4.60
CA ALA A 86 -3.08 -8.53 -4.69
C ALA A 86 -2.68 -7.95 -3.34
N TYR A 87 -2.01 -6.81 -3.34
CA TYR A 87 -1.54 -6.16 -2.11
C TYR A 87 -1.92 -4.69 -2.12
N PHE A 88 -2.40 -4.19 -0.99
CA PHE A 88 -2.87 -2.81 -0.91
C PHE A 88 -2.26 -2.11 0.28
N PHE A 89 -1.94 -0.84 0.12
CA PHE A 89 -1.50 -0.01 1.24
C PHE A 89 -2.69 0.17 2.17
N HIS A 90 -2.40 0.44 3.43
CA HIS A 90 -3.45 0.64 4.43
C HIS A 90 -4.31 1.88 4.11
N PRO A 91 -5.61 1.67 3.87
CA PRO A 91 -6.49 2.81 3.57
C PRO A 91 -6.71 3.65 4.81
N ASP A 92 -6.74 4.98 4.65
CA ASP A 92 -6.79 5.89 5.79
C ASP A 92 -8.22 6.24 6.20
N ASN A 93 -9.20 5.72 5.46
CA ASN A 93 -10.59 5.86 5.87
C ASN A 93 -11.45 4.72 5.35
N GLN A 94 -12.64 4.59 5.93
CA GLN A 94 -13.57 3.54 5.55
C GLN A 94 -13.91 3.56 4.06
N GLU A 95 -14.15 4.75 3.53
CA GLU A 95 -14.55 4.89 2.13
C GLU A 95 -13.44 4.45 1.17
N ASP A 96 -12.18 4.67 1.58
CA ASP A 96 -11.07 4.16 0.80
C ASP A 96 -10.99 2.66 1.00
N ALA A 97 -11.26 2.23 2.22
CA ALA A 97 -11.27 0.82 2.58
C ALA A 97 -12.21 0.06 1.66
N GLU A 98 -13.35 0.67 1.35
CA GLU A 98 -14.34 0.02 0.53
C GLU A 98 -13.94 0.04 -0.95
N ALA A 99 -13.42 1.18 -1.38
CA ALA A 99 -13.09 1.36 -2.79
C ALA A 99 -12.21 0.24 -3.34
N ILE A 100 -11.13 -0.06 -2.61
CA ILE A 100 -10.11 -0.98 -3.10
C ILE A 100 -10.60 -2.42 -3.24
N THR A 101 -11.72 -2.74 -2.63
CA THR A 101 -12.23 -4.10 -2.73
C THR A 101 -12.78 -4.34 -4.14
N HIS A 102 -12.83 -3.29 -4.94
CA HIS A 102 -13.27 -3.40 -6.32
C HIS A 102 -12.07 -3.63 -7.23
N LEU A 103 -10.89 -3.66 -6.64
CA LEU A 103 -9.67 -3.88 -7.40
C LEU A 103 -9.31 -5.36 -7.38
N PHE A 104 -8.93 -5.89 -8.53
CA PHE A 104 -8.35 -7.23 -8.58
C PHE A 104 -9.24 -8.26 -7.89
N THR A 105 -10.50 -8.32 -8.29
CA THR A 105 -11.47 -9.17 -7.58
C THR A 105 -11.29 -10.67 -7.77
N ASP A 106 -10.64 -11.07 -8.85
CA ASP A 106 -10.47 -12.50 -9.13
C ASP A 106 -9.17 -13.13 -8.60
N VAL A 107 -8.37 -12.37 -7.88
CA VAL A 107 -7.17 -12.93 -7.27
C VAL A 107 -7.49 -13.89 -6.13
N GLN A 108 -6.66 -14.91 -5.98
CA GLN A 108 -6.84 -15.89 -4.92
C GLN A 108 -6.57 -15.28 -3.55
N ASN A 109 -5.52 -14.49 -3.43
CA ASN A 109 -5.13 -13.92 -2.16
C ASN A 109 -5.08 -12.40 -2.17
N ARG A 110 -5.53 -11.82 -1.06
CA ARG A 110 -5.73 -10.40 -0.95
C ARG A 110 -5.12 -9.90 0.34
N TYR A 111 -4.11 -9.03 0.25
CA TYR A 111 -3.45 -8.53 1.44
C TYR A 111 -3.56 -7.01 1.53
N THR A 112 -3.83 -6.53 2.74
CA THR A 112 -3.73 -5.12 3.03
C THR A 112 -2.56 -4.91 4.00
N PHE A 113 -1.57 -4.11 3.61
CA PHE A 113 -0.43 -3.84 4.49
C PHE A 113 -0.83 -3.06 5.75
N ALA A 114 -0.02 -3.19 6.80
CA ALA A 114 -0.24 -2.45 8.04
C ALA A 114 0.15 -0.98 7.85
N PHE A 115 0.90 -0.71 6.79
CA PHE A 115 1.47 0.60 6.53
C PHE A 115 0.85 1.24 5.29
N GLY A 116 0.91 2.58 5.25
CA GLY A 116 0.46 3.33 4.09
C GLY A 116 1.58 3.52 3.08
N GLY A 117 1.25 4.15 1.95
CA GLY A 117 2.20 4.31 0.87
C GLY A 117 2.89 5.66 0.84
N ASN A 118 2.90 6.36 1.97
CA ASN A 118 3.58 7.65 2.05
C ASN A 118 5.10 7.45 2.17
N TYR A 119 5.87 8.37 1.61
CA TYR A 119 7.33 8.24 1.56
C TYR A 119 7.94 8.08 2.94
N ASP A 120 7.37 8.76 3.93
CA ASP A 120 7.98 8.69 5.27
C ASP A 120 7.99 7.28 5.82
N ARG A 121 6.90 6.55 5.61
CA ARG A 121 6.80 5.18 6.09
C ARG A 121 7.60 4.21 5.23
N LEU A 122 7.50 4.36 3.91
CA LEU A 122 8.23 3.47 3.01
C LEU A 122 9.73 3.63 3.22
N GLU A 123 10.18 4.86 3.43
CA GLU A 123 11.60 5.10 3.66
C GLU A 123 12.09 4.35 4.89
N GLN A 124 11.30 4.39 5.95
CA GLN A 124 11.64 3.71 7.18
C GLN A 124 11.79 2.21 6.98
N LEU A 125 10.92 1.64 6.15
CA LEU A 125 10.94 0.21 5.86
C LEU A 125 12.06 -0.17 4.91
N ALA A 126 12.27 0.64 3.88
CA ALA A 126 13.32 0.35 2.91
C ALA A 126 14.70 0.51 3.54
N GLY A 127 14.77 1.26 4.64
CA GLY A 127 16.03 1.54 5.29
C GLY A 127 16.80 2.73 4.69
N ASN A 128 16.22 3.35 3.66
CA ASN A 128 16.86 4.46 2.95
C ASN A 128 15.89 5.60 2.67
N LEU A 129 16.42 6.82 2.62
CA LEU A 129 15.67 7.97 2.13
C LEU A 129 15.63 8.01 0.60
N ARG A 130 14.63 8.68 0.05
CA ARG A 130 14.50 8.87 -1.40
C ARG A 130 15.82 9.33 -2.05
N GLU A 131 16.51 10.28 -1.41
CA GLU A 131 17.74 10.82 -1.98
C GLU A 131 18.91 9.82 -2.02
N ASN A 132 18.78 8.71 -1.30
CA ASN A 132 19.73 7.61 -1.42
C ASN A 132 19.29 6.45 -2.32
N ILE A 133 18.09 6.54 -2.89
CA ILE A 133 17.57 5.44 -3.71
C ILE A 133 17.56 5.81 -5.18
N GLU A 134 18.37 5.12 -5.97
CA GLU A 134 18.59 5.49 -7.37
C GLU A 134 17.38 5.21 -8.27
N LEU A 135 17.23 6.05 -9.30
CA LEU A 135 16.09 5.99 -10.25
C LEU A 135 16.59 5.84 -11.69
N GLY A 136 15.73 5.28 -12.55
CA GLY A 136 16.10 5.08 -13.95
C GLY A 136 15.38 3.85 -14.49
N ASN A 137 15.73 3.44 -15.71
CA ASN A 137 15.12 2.24 -16.28
C ASN A 137 15.65 0.97 -15.60
N GLY A 138 16.93 1.01 -15.21
CA GLY A 138 17.55 -0.09 -14.49
C GLY A 138 16.88 -0.34 -13.15
N PRO A 139 16.74 0.70 -12.34
CA PRO A 139 16.00 0.61 -11.08
C PRO A 139 14.53 0.20 -11.24
N LEU A 140 13.86 0.63 -12.32
CA LEU A 140 12.47 0.23 -12.50
C LEU A 140 12.39 -1.25 -12.85
N GLU A 141 13.36 -1.70 -13.64
CA GLU A 141 13.48 -3.10 -14.02
C GLU A 141 13.61 -4.00 -12.78
N GLU A 142 14.52 -3.64 -11.89
CA GLU A 142 14.69 -4.37 -10.64
C GLU A 142 13.46 -4.29 -9.71
N ALA A 143 12.82 -3.11 -9.67
CA ALA A 143 11.68 -2.89 -8.79
C ALA A 143 10.56 -3.80 -9.24
N ILE A 144 10.36 -3.89 -10.54
CA ILE A 144 9.32 -4.76 -11.08
C ILE A 144 9.61 -6.20 -10.67
N SER A 145 10.88 -6.59 -10.67
CA SER A 145 11.25 -7.96 -10.29
C SER A 145 10.97 -8.18 -8.82
N ALA A 146 11.39 -7.23 -8.00
CA ALA A 146 11.20 -7.37 -6.56
C ALA A 146 9.71 -7.49 -6.24
N LEU A 147 8.89 -6.68 -6.89
CA LEU A 147 7.43 -6.73 -6.69
C LEU A 147 6.79 -8.07 -7.09
N TYR A 148 7.25 -8.65 -8.17
CA TYR A 148 6.70 -9.91 -8.64
C TYR A 148 7.11 -11.06 -7.72
N TYR A 149 8.35 -11.02 -7.26
CA TYR A 149 8.83 -12.10 -6.43
C TYR A 149 8.27 -12.01 -5.03
N TYR A 150 7.69 -10.87 -4.67
CA TYR A 150 7.13 -10.75 -3.32
C TYR A 150 5.99 -11.74 -3.18
N SER A 151 5.24 -11.92 -4.26
CA SER A 151 4.09 -12.81 -4.21
C SER A 151 4.50 -14.28 -4.11
N THR A 152 5.71 -14.61 -4.56
CA THR A 152 6.24 -15.98 -4.43
C THR A 152 7.04 -16.24 -3.16
N GLY A 153 7.36 -15.20 -2.40
CA GLY A 153 8.09 -15.38 -1.15
C GLY A 153 9.58 -15.05 -1.26
N GLY A 154 9.99 -14.64 -2.45
CA GLY A 154 11.38 -14.35 -2.71
C GLY A 154 11.81 -12.91 -2.42
N THR A 155 10.89 -12.07 -1.97
CA THR A 155 11.22 -10.67 -1.72
C THR A 155 10.96 -10.24 -0.27
N GLN A 156 12.00 -9.73 0.38
CA GLN A 156 11.91 -9.22 1.74
C GLN A 156 11.25 -7.86 1.79
N LEU A 157 10.71 -7.49 2.95
CA LEU A 157 9.99 -6.24 3.11
C LEU A 157 10.81 -5.01 2.68
N PRO A 158 12.04 -4.86 3.20
CA PRO A 158 12.84 -3.68 2.85
C PRO A 158 13.02 -3.46 1.34
N THR A 159 13.18 -4.54 0.57
CA THR A 159 13.34 -4.43 -0.88
C THR A 159 12.01 -4.10 -1.56
N LEU A 160 10.92 -4.58 -0.96
CA LEU A 160 9.60 -4.21 -1.44
C LEU A 160 9.35 -2.71 -1.27
N ALA A 161 9.65 -2.18 -0.08
CA ALA A 161 9.44 -0.76 0.21
C ALA A 161 10.28 0.11 -0.71
N ARG A 162 11.49 -0.34 -0.99
CA ARG A 162 12.40 0.33 -1.90
C ARG A 162 11.85 0.32 -3.33
N SER A 163 11.19 -0.76 -3.70
CA SER A 163 10.66 -0.92 -5.05
C SER A 163 9.43 -0.08 -5.30
N PHE A 164 8.62 0.08 -4.25
CA PHE A 164 7.49 0.99 -4.24
C PHE A 164 7.96 2.42 -4.48
N ILE A 165 8.94 2.83 -3.69
CA ILE A 165 9.53 4.16 -3.79
C ILE A 165 10.01 4.44 -5.22
N ILE A 166 10.65 3.46 -5.85
CA ILE A 166 11.05 3.61 -7.24
C ILE A 166 9.83 3.75 -8.18
N CYS A 167 8.85 2.86 -8.06
CA CYS A 167 7.71 2.91 -8.98
C CYS A 167 6.87 4.17 -8.83
N ILE A 168 6.57 4.53 -7.59
CA ILE A 168 5.76 5.69 -7.31
C ILE A 168 6.37 6.92 -7.96
N GLN A 169 7.66 7.12 -7.78
CA GLN A 169 8.30 8.29 -8.35
C GLN A 169 8.34 8.29 -9.88
N MET A 170 8.63 7.14 -10.48
CA MET A 170 8.78 7.09 -11.92
C MET A 170 7.43 7.02 -12.65
N ILE A 171 6.37 6.79 -11.89
CA ILE A 171 5.06 6.74 -12.51
C ILE A 171 4.12 7.81 -11.97
N SER A 172 3.79 7.74 -10.69
CA SER A 172 2.94 8.76 -10.09
C SER A 172 3.53 10.16 -10.20
N GLU A 173 4.73 10.35 -9.66
CA GLU A 173 5.32 11.69 -9.62
C GLU A 173 5.57 12.23 -11.01
N ALA A 174 5.98 11.35 -11.91
CA ALA A 174 6.22 11.75 -13.28
C ALA A 174 4.92 12.18 -13.99
N ALA A 175 3.82 11.51 -13.67
CA ALA A 175 2.52 11.90 -14.25
C ALA A 175 2.07 13.25 -13.68
N ARG A 176 2.38 13.47 -12.41
CA ARG A 176 2.05 14.73 -11.73
C ARG A 176 2.88 15.92 -12.22
N PHE A 177 4.15 15.70 -12.48
CA PHE A 177 5.07 16.77 -12.86
C PHE A 177 5.77 16.53 -14.20
N GLN A 178 5.62 17.45 -15.14
CA GLN A 178 6.41 17.42 -16.37
C GLN A 178 7.88 17.51 -16.01
N TYR A 179 8.19 18.30 -14.99
CA TYR A 179 9.57 18.43 -14.54
C TYR A 179 10.18 17.12 -14.06
N ILE A 180 9.41 16.33 -13.33
CA ILE A 180 9.90 15.03 -12.89
C ILE A 180 9.93 14.03 -14.04
N GLU A 181 8.93 14.07 -14.92
CA GLU A 181 8.98 13.26 -16.14
C GLU A 181 10.27 13.57 -16.90
N GLY A 182 10.62 14.85 -16.95
CA GLY A 182 11.81 15.29 -17.68
C GLY A 182 13.09 14.68 -17.15
N GLU A 183 13.22 14.61 -15.82
CA GLU A 183 14.45 14.09 -15.22
C GLU A 183 14.57 12.60 -15.48
N MET A 184 13.43 11.94 -15.66
CA MET A 184 13.42 10.51 -15.92
C MET A 184 13.80 10.24 -17.37
N ARG A 185 13.32 11.09 -18.28
CA ARG A 185 13.65 10.97 -19.70
C ARG A 185 15.15 11.17 -19.87
N THR A 186 15.72 12.05 -19.06
CA THR A 186 17.14 12.33 -19.09
C THR A 186 17.95 11.12 -18.64
N ARG A 187 17.52 10.48 -17.56
CA ARG A 187 18.19 9.26 -17.10
C ARG A 187 18.18 8.19 -18.20
N ILE A 188 17.03 8.03 -18.84
CA ILE A 188 16.89 7.03 -19.89
C ILE A 188 17.79 7.38 -21.06
N ARG A 189 17.84 8.66 -21.39
CA ARG A 189 18.60 9.15 -22.54
C ARG A 189 20.10 8.81 -22.43
N TYR A 190 20.67 9.06 -21.27
CA TYR A 190 22.09 8.79 -21.04
C TYR A 190 22.31 7.38 -20.49
N ASN A 191 21.23 6.60 -20.39
CA ASN A 191 21.27 5.27 -19.78
C ASN A 191 21.97 5.31 -18.44
N ARG A 192 21.49 6.19 -17.57
CA ARG A 192 22.09 6.40 -16.27
C ARG A 192 21.05 6.14 -15.19
N ARG A 193 21.53 5.96 -13.98
CA ARG A 193 20.65 5.89 -12.82
C ARG A 193 21.21 6.83 -11.76
N SER A 194 20.35 7.57 -11.09
CA SER A 194 20.80 8.40 -9.99
C SER A 194 19.67 8.67 -9.02
N ALA A 195 20.03 8.95 -7.78
CA ALA A 195 19.05 9.37 -6.81
C ALA A 195 18.44 10.68 -7.28
N PRO A 196 17.18 10.95 -6.89
CA PRO A 196 16.60 12.25 -7.27
C PRO A 196 17.26 13.38 -6.49
N ASP A 197 17.58 14.47 -7.21
CA ASP A 197 18.14 15.67 -6.61
C ASP A 197 17.06 16.49 -5.90
N PRO A 198 17.47 17.47 -5.10
CA PRO A 198 16.56 18.26 -4.26
C PRO A 198 15.38 18.89 -4.98
N SER A 199 15.55 19.26 -6.25
CA SER A 199 14.45 19.86 -6.98
C SER A 199 13.33 18.85 -7.14
N VAL A 200 13.69 17.60 -7.39
CA VAL A 200 12.72 16.51 -7.53
C VAL A 200 12.03 16.22 -6.20
N ILE A 201 12.83 16.11 -5.14
CA ILE A 201 12.28 15.77 -3.84
C ILE A 201 11.33 16.84 -3.27
N THR A 202 11.71 18.11 -3.39
CA THR A 202 10.86 19.16 -2.87
C THR A 202 9.55 19.31 -3.67
N LEU A 203 9.60 19.04 -4.97
CA LEU A 203 8.37 19.06 -5.75
C LEU A 203 7.41 18.01 -5.21
N GLU A 204 7.91 16.79 -5.07
CA GLU A 204 7.12 15.67 -4.54
C GLU A 204 6.45 16.05 -3.25
N ASN A 205 7.25 16.61 -2.34
CA ASN A 205 6.79 16.99 -1.01
C ASN A 205 5.74 18.09 -1.08
N SER A 206 5.82 18.91 -2.11
CA SER A 206 4.99 20.11 -2.23
C SER A 206 3.74 19.99 -3.10
N TRP A 207 3.48 18.83 -3.67
CA TRP A 207 2.38 18.71 -4.63
C TRP A 207 1.02 19.13 -4.10
N GLY A 208 0.69 18.70 -2.88
CA GLY A 208 -0.58 19.06 -2.27
C GLY A 208 -0.66 20.55 -1.98
N ARG A 209 0.44 21.09 -1.44
CA ARG A 209 0.55 22.51 -1.16
C ARG A 209 0.45 23.36 -2.44
N LEU A 210 1.03 22.90 -3.54
CA LEU A 210 0.93 23.61 -4.82
C LEU A 210 -0.46 23.47 -5.46
N SER A 211 -1.12 22.33 -5.24
CA SER A 211 -2.49 22.16 -5.71
C SER A 211 -3.40 23.17 -5.01
N THR A 212 -3.24 23.30 -3.70
CA THR A 212 -4.00 24.25 -2.89
C THR A 212 -3.76 25.70 -3.31
N ALA A 213 -2.49 26.11 -3.30
CA ALA A 213 -2.12 27.48 -3.66
C ALA A 213 -2.61 27.88 -5.04
N ILE A 214 -2.49 26.98 -6.01
CA ILE A 214 -2.90 27.33 -7.37
C ILE A 214 -4.39 27.50 -7.43
N GLN A 215 -5.12 26.62 -6.74
CA GLN A 215 -6.58 26.65 -6.79
C GLN A 215 -7.21 27.73 -5.92
N GLU A 216 -6.50 28.15 -4.88
CA GLU A 216 -7.02 29.18 -4.00
C GLU A 216 -6.50 30.55 -4.42
N SER A 217 -5.67 30.57 -5.45
CA SER A 217 -4.98 31.78 -5.87
C SER A 217 -5.93 32.91 -6.23
N ASN A 218 -5.56 34.13 -5.88
CA ASN A 218 -6.26 35.29 -6.42
C ASN A 218 -5.50 35.77 -7.64
N GLN A 219 -6.11 35.59 -8.82
CA GLN A 219 -5.56 36.14 -10.06
C GLN A 219 -4.31 35.41 -10.56
N GLY A 220 -3.84 34.42 -9.79
CA GLY A 220 -2.63 33.69 -10.15
C GLY A 220 -1.44 34.00 -9.25
N ALA A 221 -1.57 34.98 -8.37
CA ALA A 221 -0.54 35.28 -7.39
C ALA A 221 -0.81 34.51 -6.09
N PHE A 222 0.25 33.97 -5.48
CA PHE A 222 0.09 33.23 -4.24
C PHE A 222 0.08 34.17 -3.07
N ALA A 223 -0.84 33.95 -2.15
CA ALA A 223 -0.83 34.66 -0.89
C ALA A 223 0.49 34.36 -0.15
N SER A 224 0.80 33.08 -0.02
CA SER A 224 2.06 32.63 0.55
C SER A 224 2.92 32.02 -0.55
N PRO A 225 4.12 32.59 -0.75
CA PRO A 225 5.03 32.00 -1.73
C PRO A 225 5.44 30.59 -1.31
N ILE A 226 5.76 29.77 -2.28
CA ILE A 226 6.14 28.40 -1.99
C ILE A 226 7.60 28.23 -2.31
N GLN A 227 8.39 27.82 -1.30
CA GLN A 227 9.82 27.62 -1.52
C GLN A 227 10.11 26.26 -2.12
N LEU A 228 10.89 26.27 -3.19
CA LEU A 228 11.36 25.05 -3.80
C LEU A 228 12.88 25.06 -3.79
N GLN A 229 13.49 23.99 -4.29
CA GLN A 229 14.94 23.94 -4.45
C GLN A 229 15.29 23.66 -5.91
N ARG A 230 16.44 24.16 -6.34
CA ARG A 230 16.91 23.83 -7.66
C ARG A 230 17.70 22.54 -7.60
N ARG A 231 18.18 22.08 -8.74
CA ARG A 231 18.88 20.81 -8.80
C ARG A 231 20.02 20.77 -7.80
N ASN A 232 20.64 21.93 -7.60
CA ASN A 232 21.82 22.04 -6.77
C ASN A 232 21.48 22.33 -5.31
N GLY A 233 20.19 22.33 -4.97
CA GLY A 233 19.77 22.43 -3.59
C GLY A 233 19.56 23.85 -3.12
N SER A 234 19.85 24.82 -3.98
CA SER A 234 19.65 26.22 -3.64
C SER A 234 18.16 26.52 -3.63
N LYS A 235 17.76 27.43 -2.75
CA LYS A 235 16.35 27.67 -2.52
C LYS A 235 15.83 28.94 -3.19
N PHE A 236 14.59 28.87 -3.66
CA PHE A 236 13.93 30.01 -4.29
C PHE A 236 12.42 29.90 -4.06
N SER A 237 11.70 31.02 -4.17
CA SER A 237 10.27 31.01 -3.89
C SER A 237 9.42 31.19 -5.13
N VAL A 238 8.29 30.49 -5.16
CA VAL A 238 7.32 30.66 -6.23
C VAL A 238 6.23 31.62 -5.78
N TYR A 239 6.12 32.77 -6.41
CA TYR A 239 5.05 33.70 -6.08
C TYR A 239 3.86 33.63 -7.04
N ASP A 240 3.98 32.83 -8.09
CA ASP A 240 2.97 32.94 -9.13
C ASP A 240 2.81 31.64 -9.89
N VAL A 241 1.59 31.39 -10.35
CA VAL A 241 1.27 30.16 -11.06
C VAL A 241 1.97 30.07 -12.42
N SER A 242 2.23 31.21 -13.04
CA SER A 242 2.82 31.25 -14.39
C SER A 242 4.08 30.41 -14.52
N ILE A 243 4.93 30.42 -13.49
CA ILE A 243 6.21 29.68 -13.56
C ILE A 243 6.08 28.16 -13.40
N LEU A 244 4.94 27.73 -12.87
CA LEU A 244 4.67 26.32 -12.63
C LEU A 244 3.98 25.64 -13.80
N ILE A 245 3.55 26.42 -14.78
CA ILE A 245 2.82 25.84 -15.89
C ILE A 245 3.66 24.79 -16.64
N PRO A 246 4.95 25.07 -16.84
CA PRO A 246 5.89 24.10 -17.40
C PRO A 246 6.26 22.94 -16.44
N ILE A 247 5.99 23.13 -15.15
CA ILE A 247 6.48 22.24 -14.10
C ILE A 247 5.47 21.16 -13.71
N ILE A 248 4.30 21.59 -13.26
CA ILE A 248 3.28 20.71 -12.71
C ILE A 248 2.19 20.38 -13.75
N ALA A 249 2.01 19.08 -14.04
CA ALA A 249 0.99 18.57 -14.98
C ALA A 249 -0.45 18.27 -14.49
N LEU A 250 -0.64 18.04 -13.20
CA LEU A 250 -1.94 17.68 -12.65
C LEU A 250 -2.03 18.15 -11.21
N MET A 251 -3.23 18.45 -10.74
CA MET A 251 -3.46 18.88 -9.36
C MET A 251 -4.57 18.08 -8.69
N VAL A 252 -4.46 17.85 -7.39
CA VAL A 252 -5.58 17.26 -6.66
C VAL A 252 -6.67 18.33 -6.54
N TYR A 253 -7.93 17.93 -6.55
CA TYR A 253 -9.02 18.90 -6.56
C TYR A 253 -9.17 19.43 -5.14
N ARG A 254 -8.91 20.73 -4.95
CA ARG A 254 -9.15 21.38 -3.66
C ARG A 254 -10.46 22.17 -3.49
N CYS A 255 -11.19 22.42 -4.57
CA CYS A 255 -12.37 23.28 -4.47
C CYS A 255 -13.04 23.56 -5.80
N ALA A 256 -14.27 24.07 -5.71
CA ALA A 256 -15.05 24.42 -6.87
C ALA A 256 -14.32 25.39 -7.80
N PRO A 257 -14.44 25.16 -9.11
CA PRO A 257 -13.73 25.84 -10.20
C PRO A 257 -13.77 27.38 -10.23
N PRO A 258 -14.75 28.03 -9.58
CA PRO A 258 -14.61 29.48 -9.58
C PRO A 258 -13.26 29.90 -9.02
N VAL B 1 9.13 -8.54 18.66
CA VAL B 1 7.81 -8.57 19.28
C VAL B 1 7.72 -9.55 20.47
N GLN B 2 7.08 -9.10 21.54
CA GLN B 2 6.91 -9.86 22.77
C GLN B 2 5.42 -10.22 22.88
N LEU B 3 5.14 -11.45 23.32
CA LEU B 3 3.75 -11.88 23.54
C LEU B 3 3.54 -12.41 24.95
N ALA B 4 2.35 -12.16 25.50
CA ALA B 4 2.00 -12.67 26.81
C ALA B 4 0.62 -13.30 26.77
N GLU B 5 0.55 -14.59 27.08
CA GLU B 5 -0.69 -15.32 26.94
C GLU B 5 -1.24 -15.73 28.30
N THR B 6 -2.56 -15.79 28.42
CA THR B 6 -3.20 -16.30 29.62
C THR B 6 -4.42 -17.14 29.28
N GLY B 7 -4.65 -18.17 30.09
CA GLY B 7 -5.72 -19.13 29.87
C GLY B 7 -5.13 -20.41 29.34
N GLY B 8 -5.79 -21.53 29.60
CA GLY B 8 -5.34 -22.81 29.10
C GLY B 8 -5.65 -23.91 30.10
N GLY B 9 -5.01 -25.05 29.91
CA GLY B 9 -5.11 -26.13 30.88
C GLY B 9 -6.29 -27.04 30.67
N LEU B 10 -6.79 -27.59 31.77
CA LEU B 10 -7.84 -28.60 31.72
C LEU B 10 -9.23 -28.06 32.04
N VAL B 11 -10.20 -28.46 31.21
CA VAL B 11 -11.58 -28.02 31.29
C VAL B 11 -12.39 -29.22 30.83
N GLN B 12 -13.68 -29.29 31.12
CA GLN B 12 -14.32 -30.59 30.99
C GLN B 12 -15.00 -30.89 29.64
N ALA B 13 -16.21 -30.38 29.42
CA ALA B 13 -16.81 -30.36 28.09
C ALA B 13 -17.97 -29.38 28.14
N GLY B 14 -18.38 -28.85 27.00
CA GLY B 14 -19.58 -28.03 26.97
C GLY B 14 -19.22 -26.84 27.83
N GLY B 15 -18.01 -26.92 28.38
CA GLY B 15 -17.45 -25.89 29.22
C GLY B 15 -16.61 -25.00 28.32
N SER B 16 -16.03 -23.96 28.89
CA SER B 16 -15.42 -22.93 28.08
C SER B 16 -14.12 -22.40 28.66
N LEU B 17 -13.25 -21.92 27.77
CA LEU B 17 -12.03 -21.24 28.16
C LEU B 17 -11.93 -19.91 27.42
N ARG B 18 -11.17 -18.98 27.96
CA ARG B 18 -10.85 -17.77 27.26
C ARG B 18 -9.35 -17.66 27.17
N LEU B 19 -8.82 -17.67 25.95
CA LEU B 19 -7.39 -17.43 25.77
C LEU B 19 -7.17 -15.96 25.48
N SER B 20 -6.17 -15.37 26.14
CA SER B 20 -5.84 -13.96 25.94
C SER B 20 -4.38 -13.81 25.55
N CYS B 21 -4.11 -12.91 24.61
CA CYS B 21 -2.75 -12.64 24.19
C CYS B 21 -2.44 -11.14 24.06
N ALA B 22 -1.47 -10.66 24.82
CA ALA B 22 -1.01 -9.27 24.71
C ALA B 22 0.26 -9.21 23.87
N ALA B 23 0.38 -8.18 23.04
CA ALA B 23 1.50 -8.04 22.11
C ALA B 23 2.28 -6.73 22.28
N SER B 24 3.57 -6.76 21.95
CA SER B 24 4.43 -5.57 21.92
C SER B 24 5.87 -5.98 21.63
N GLY B 25 6.76 -5.03 21.38
CA GLY B 25 6.43 -3.75 20.78
C GLY B 25 6.15 -3.94 19.30
N THR B 26 5.00 -3.45 18.85
CA THR B 26 4.63 -3.49 17.45
C THR B 26 3.44 -2.54 17.33
N THR B 27 2.90 -2.33 16.14
CA THR B 27 1.66 -1.58 16.11
C THR B 27 0.57 -2.63 15.95
N PHE B 28 -0.12 -2.87 17.04
CA PHE B 28 -1.03 -3.99 17.18
C PHE B 28 -2.35 -3.63 16.51
N SER B 29 -2.75 -2.37 16.67
CA SER B 29 -3.98 -1.87 16.10
C SER B 29 -3.95 -1.96 14.58
N LYS B 30 -2.75 -2.06 14.04
CA LYS B 30 -2.53 -2.21 12.60
C LYS B 30 -2.31 -3.64 12.13
N ASN B 31 -2.40 -4.60 13.05
CA ASN B 31 -1.99 -5.97 12.76
C ASN B 31 -3.08 -7.01 12.69
N ALA B 32 -3.00 -7.86 11.66
CA ALA B 32 -3.84 -9.04 11.55
C ALA B 32 -3.41 -10.07 12.59
N MET B 33 -4.38 -10.65 13.28
CA MET B 33 -4.11 -11.62 14.30
C MET B 33 -4.78 -12.92 13.92
N ALA B 34 -4.29 -14.02 14.47
CA ALA B 34 -4.88 -15.32 14.22
C ALA B 34 -4.59 -16.28 15.36
N TRP B 35 -5.41 -17.31 15.50
CA TRP B 35 -5.13 -18.38 16.42
C TRP B 35 -4.96 -19.67 15.65
N PHE B 36 -3.95 -20.45 16.03
CA PHE B 36 -3.65 -21.74 15.42
C PHE B 36 -3.64 -22.79 16.51
N ARG B 37 -3.77 -24.05 16.14
CA ARG B 37 -3.66 -25.13 17.13
C ARG B 37 -3.02 -26.37 16.49
N GLN B 38 -2.46 -27.24 17.32
CA GLN B 38 -1.68 -28.37 16.83
C GLN B 38 -1.99 -29.70 17.52
N ALA B 39 -1.36 -30.76 17.06
CA ALA B 39 -1.57 -32.05 17.70
C ALA B 39 -0.38 -33.01 17.51
N LYS B 42 -2.43 -32.88 13.07
CA LYS B 42 -1.28 -32.62 13.93
C LYS B 42 -0.15 -31.96 13.15
N ARG B 44 -0.25 -28.28 12.81
CA ARG B 44 -0.56 -26.92 13.27
C ARG B 44 -1.48 -26.21 12.28
N GLU B 45 -2.77 -26.08 12.62
CA GLU B 45 -3.74 -25.55 11.67
C GLU B 45 -4.56 -24.35 12.16
N PHE B 46 -5.08 -23.59 11.21
CA PHE B 46 -5.79 -22.36 11.49
C PHE B 46 -7.07 -22.60 12.31
N VAL B 47 -7.27 -21.79 13.34
CA VAL B 47 -8.51 -21.82 14.11
C VAL B 47 -9.39 -20.59 13.84
N ALA B 48 -8.91 -19.42 14.24
CA ALA B 48 -9.64 -18.17 14.05
C ALA B 48 -8.68 -17.07 13.62
N GLY B 49 -9.22 -16.03 12.97
CA GLY B 49 -8.40 -14.89 12.60
C GLY B 49 -9.21 -13.63 12.50
N ILE B 50 -8.55 -12.50 12.70
CA ILE B 50 -9.25 -11.23 12.80
C ILE B 50 -8.38 -10.11 12.23
N ASN B 51 -9.01 -9.19 11.49
CA ASN B 51 -8.26 -8.11 10.87
C ASN B 51 -8.02 -6.93 11.83
N TRP B 52 -7.32 -5.90 11.37
CA TRP B 52 -6.89 -4.80 12.23
C TRP B 52 -8.05 -4.09 12.94
N ASN B 53 -9.15 -3.87 12.22
CA ASN B 53 -10.29 -3.12 12.72
C ASN B 53 -11.38 -4.00 13.35
N ALA B 54 -11.14 -5.31 13.34
CA ALA B 54 -12.06 -6.29 13.94
C ALA B 54 -13.45 -6.31 13.30
N VAL B 55 -13.57 -5.81 12.07
CA VAL B 55 -14.83 -5.87 11.33
C VAL B 55 -14.88 -7.12 10.45
N SER B 56 -13.77 -7.84 10.37
CA SER B 56 -13.67 -9.03 9.54
C SER B 56 -12.97 -10.18 10.27
N THR B 57 -13.67 -11.29 10.44
CA THR B 57 -13.14 -12.44 11.17
C THR B 57 -13.37 -13.74 10.40
N ASN B 58 -12.44 -14.68 10.54
CA ASN B 58 -12.60 -16.01 9.95
C ASN B 58 -12.42 -17.11 10.98
N TYR B 59 -13.13 -18.22 10.80
CA TYR B 59 -13.02 -19.39 11.67
C TYR B 59 -12.83 -20.67 10.84
N ALA B 60 -12.24 -21.70 11.44
CA ALA B 60 -12.07 -22.96 10.72
C ALA B 60 -13.37 -23.77 10.71
N SER B 62 -14.77 -26.29 11.63
CA SER B 62 -14.76 -27.22 12.76
C SER B 62 -15.06 -26.50 14.07
N VAL B 63 -14.61 -25.25 14.18
CA VAL B 63 -14.90 -24.42 15.36
C VAL B 63 -16.06 -23.41 15.21
N LYS B 64 -16.70 -23.33 14.05
CA LYS B 64 -17.70 -22.29 13.81
C LYS B 64 -18.93 -22.39 14.73
N GLY B 65 -19.32 -21.27 15.34
CA GLY B 65 -20.49 -21.22 16.20
C GLY B 65 -20.15 -21.50 17.66
N ARG B 66 -18.89 -21.87 17.89
CA ARG B 66 -18.39 -22.21 19.22
C ARG B 66 -17.32 -21.20 19.65
N PHE B 67 -16.25 -21.13 18.87
CA PHE B 67 -15.17 -20.19 19.11
C PHE B 67 -15.46 -18.82 18.49
N THR B 68 -15.18 -17.76 19.25
CA THR B 68 -15.26 -16.40 18.72
C THR B 68 -13.96 -15.66 19.05
N VAL B 69 -13.45 -14.92 18.07
CA VAL B 69 -12.22 -14.18 18.27
C VAL B 69 -12.50 -12.68 18.48
N SER B 70 -11.69 -12.05 19.33
CA SER B 70 -11.90 -10.67 19.70
C SER B 70 -10.56 -9.99 19.96
N ARG B 71 -10.57 -8.67 19.96
CA ARG B 71 -9.37 -7.90 20.24
C ARG B 71 -9.71 -6.58 20.90
N ASP B 72 -8.78 -6.07 21.68
CA ASP B 72 -8.89 -4.72 22.20
C ASP B 72 -7.60 -4.04 21.82
N ASN B 73 -7.67 -3.08 20.90
CA ASN B 73 -6.46 -2.43 20.45
C ASN B 73 -5.89 -1.50 21.51
N ALA B 74 -6.76 -1.04 22.40
CA ALA B 74 -6.36 -0.21 23.54
C ALA B 74 -5.33 -0.91 24.40
N LYS B 75 -5.53 -2.22 24.61
CA LYS B 75 -4.63 -3.03 25.42
C LYS B 75 -3.60 -3.85 24.62
N ASN B 76 -3.60 -3.71 23.30
CA ASN B 76 -2.82 -4.60 22.45
C ASN B 76 -3.14 -6.06 22.73
N THR B 77 -4.42 -6.37 22.94
CA THR B 77 -4.79 -7.74 23.27
C THR B 77 -5.75 -8.39 22.26
N VAL B 78 -5.55 -9.66 22.02
CA VAL B 78 -6.46 -10.45 21.19
C VAL B 78 -6.98 -11.61 22.02
N TYR B 79 -8.24 -11.96 21.83
CA TYR B 79 -8.87 -13.00 22.64
C TYR B 79 -9.41 -14.13 21.80
N LEU B 80 -9.45 -15.32 22.39
CA LEU B 80 -10.20 -16.42 21.84
C LEU B 80 -11.14 -16.96 22.92
N GLN B 81 -12.44 -16.78 22.68
CA GLN B 81 -13.45 -17.31 23.57
C GLN B 81 -13.91 -18.65 23.00
N MET B 82 -13.58 -19.73 23.70
CA MET B 82 -13.94 -21.08 23.26
C MET B 82 -15.14 -21.58 24.05
N ASN B 83 -16.22 -21.92 23.35
CA ASN B 83 -17.41 -22.45 24.00
C ASN B 83 -17.75 -23.85 23.52
N SER B 84 -18.49 -24.58 24.33
CA SER B 84 -18.94 -25.93 23.97
C SER B 84 -17.77 -26.84 23.63
N LEU B 85 -16.73 -26.82 24.47
CA LEU B 85 -15.51 -27.56 24.21
C LEU B 85 -15.71 -29.09 24.12
N LYS B 86 -15.04 -29.68 23.13
CA LYS B 86 -15.12 -31.12 22.88
C LYS B 86 -13.70 -31.67 22.85
N PRO B 87 -13.54 -32.95 23.22
CA PRO B 87 -12.23 -33.60 23.34
C PRO B 87 -11.34 -33.39 22.13
N GLU B 88 -11.91 -33.31 20.95
CA GLU B 88 -11.14 -33.08 19.72
C GLU B 88 -10.46 -31.71 19.66
N ASP B 89 -10.90 -30.79 20.51
CA ASP B 89 -10.30 -29.45 20.60
C ASP B 89 -8.99 -29.45 21.39
N THR B 90 -8.70 -30.55 22.08
CA THR B 90 -7.46 -30.66 22.82
C THR B 90 -6.31 -30.42 21.86
N ALA B 91 -5.49 -29.43 22.18
CA ALA B 91 -4.36 -29.12 21.33
C ALA B 91 -3.48 -28.13 22.06
N VAL B 92 -2.37 -27.76 21.43
CA VAL B 92 -1.57 -26.65 21.90
C VAL B 92 -1.96 -25.47 21.05
N TYR B 93 -2.39 -24.39 21.70
CA TYR B 93 -2.92 -23.21 21.02
C TYR B 93 -1.88 -22.10 20.95
N TYR B 94 -1.65 -21.58 19.75
CA TYR B 94 -0.68 -20.53 19.52
C TYR B 94 -1.39 -19.29 19.02
N CYS B 95 -1.06 -18.13 19.60
CA CYS B 95 -1.51 -16.87 19.04
C CYS B 95 -0.51 -16.42 17.99
N ALA B 96 -1.00 -15.96 16.85
CA ALA B 96 -0.12 -15.50 15.77
C ALA B 96 -0.49 -14.10 15.32
N GLY B 97 0.47 -13.38 14.76
CA GLY B 97 0.22 -12.04 14.28
C GLY B 97 1.08 -11.69 13.09
N SER B 98 0.68 -10.64 12.39
CA SER B 98 1.50 -10.12 11.32
C SER B 98 1.75 -8.63 11.54
N SER B 99 3.02 -8.25 11.62
CA SER B 99 3.37 -6.83 11.73
C SER B 99 3.36 -6.20 10.33
N ILE B 100 3.12 -7.06 9.33
CA ILE B 100 3.11 -6.67 7.92
C ILE B 100 1.72 -6.34 7.42
N TYR B 101 0.82 -7.32 7.51
CA TYR B 101 -0.56 -7.15 7.04
C TYR B 101 -1.58 -6.75 8.12
N SER B 102 -2.43 -5.79 7.77
CA SER B 102 -3.61 -5.45 8.57
C SER B 102 -4.79 -6.39 8.29
N ASP B 103 -4.88 -6.88 7.07
N ASP B 103 -4.85 -6.88 7.06
CA ASP B 103 -5.95 -7.78 6.68
CA ASP B 103 -5.92 -7.77 6.63
C ASP B 103 -5.42 -8.81 5.70
C ASP B 103 -5.33 -8.84 5.73
N ILE B 104 -5.69 -10.10 5.97
CA ILE B 104 -5.32 -11.16 5.06
C ILE B 104 -6.58 -11.87 4.64
N SER B 105 -6.91 -11.78 3.36
CA SER B 105 -8.14 -12.35 2.85
C SER B 105 -7.83 -13.40 1.81
N GLY B 106 -8.77 -14.32 1.59
CA GLY B 106 -8.55 -15.43 0.69
C GLY B 106 -7.80 -16.57 1.34
N ALA B 107 -7.29 -17.48 0.51
CA ALA B 107 -6.61 -18.67 1.01
C ALA B 107 -5.55 -18.35 2.06
N ALA B 108 -4.78 -17.28 1.82
CA ALA B 108 -3.61 -16.98 2.63
C ALA B 108 -3.96 -16.74 4.10
N THR B 109 -5.22 -16.47 4.38
CA THR B 109 -5.65 -16.26 5.76
C THR B 109 -5.16 -17.37 6.68
N VAL B 110 -5.27 -18.60 6.21
CA VAL B 110 -5.03 -19.79 7.04
C VAL B 110 -3.60 -20.34 6.98
N TRP B 111 -2.76 -19.73 6.15
CA TRP B 111 -1.36 -20.15 6.07
C TRP B 111 -0.60 -19.62 7.28
N ALA B 112 0.01 -20.53 8.03
CA ALA B 112 0.84 -20.14 9.17
C ALA B 112 1.92 -19.17 8.69
N THR B 113 2.26 -19.28 7.40
CA THR B 113 3.32 -18.47 6.81
C THR B 113 2.93 -17.01 6.55
N SER B 114 1.63 -16.71 6.59
CA SER B 114 1.15 -15.34 6.44
C SER B 114 1.40 -14.51 7.71
N TYR B 115 1.80 -15.18 8.79
CA TYR B 115 1.95 -14.53 10.09
C TYR B 115 3.40 -14.59 10.56
N ASN B 116 4.00 -13.44 10.81
CA ASN B 116 5.43 -13.38 11.16
C ASN B 116 5.81 -13.32 12.64
N TYR B 117 4.82 -13.35 13.53
CA TYR B 117 5.13 -13.49 14.95
C TYR B 117 4.16 -14.41 15.70
N TRP B 118 4.73 -15.16 16.65
CA TRP B 118 4.06 -16.29 17.29
C TRP B 118 4.33 -16.36 18.78
N GLY B 119 3.27 -16.56 19.55
CA GLY B 119 3.41 -16.80 20.98
C GLY B 119 3.78 -18.25 21.22
N GLN B 120 4.32 -18.51 22.40
CA GLN B 120 4.53 -19.89 22.79
C GLN B 120 3.14 -20.52 22.93
N GLY B 121 3.05 -21.83 22.74
CA GLY B 121 1.78 -22.51 22.81
C GLY B 121 1.29 -22.68 24.23
N THR B 122 -0.01 -22.87 24.38
CA THR B 122 -0.59 -23.20 25.69
C THR B 122 -1.35 -24.51 25.49
N GLN B 123 -1.13 -25.47 26.39
CA GLN B 123 -1.86 -26.71 26.31
C GLN B 123 -3.29 -26.46 26.75
N VAL B 124 -4.23 -26.83 25.88
CA VAL B 124 -5.64 -26.90 26.26
C VAL B 124 -6.12 -28.34 26.12
N THR B 125 -6.63 -28.88 27.22
CA THR B 125 -6.99 -30.29 27.30
C THR B 125 -8.43 -30.42 27.80
N VAL B 126 -9.32 -30.93 26.95
CA VAL B 126 -10.73 -31.06 27.33
C VAL B 126 -11.11 -32.53 27.58
N SER B 127 -11.33 -32.85 28.85
CA SER B 127 -11.57 -34.22 29.30
C SER B 127 -13.00 -34.70 29.08
N SER B 128 -13.16 -36.00 28.91
CA SER B 128 -14.48 -36.59 28.71
C SER B 128 -15.25 -36.72 30.02
CL CL C . 15.30 -2.32 -5.57
CL CL D . -6.66 31.58 -8.88
CL CL E . 11.64 23.39 -9.93
#